data_1POP
#
_entry.id   1POP
#
_cell.length_a   44.920
_cell.length_b   104.960
_cell.length_c   50.970
_cell.angle_alpha   90.00
_cell.angle_beta   90.00
_cell.angle_gamma   90.00
#
_symmetry.space_group_name_H-M   'P 21 21 21'
#
loop_
_entity.id
_entity.type
_entity.pdbx_description
1 polymer PAPAIN
2 polymer LEUPEPTIN
3 non-polymer METHANOL
4 water water
#
loop_
_entity_poly.entity_id
_entity_poly.type
_entity_poly.pdbx_seq_one_letter_code
_entity_poly.pdbx_strand_id
1 'polypeptide(L)'
;IPEYVDWRQKGAVTPVKNQGSCGSCWAFSAVVTIEGIIKIRTGNLNQYSEQELLDCDRRSYGCNGGYPWSALQLVAQYGI
HYRNTYPYEGVQRYCRSREKGPYAAKTDGVRQVQPYNQGALLYSIANQPVSVVLQAAGKDFQLYRGGIFVGPCGNKVDHA
VAAVGYGPNYILIKNSWGTGWGENGYIRIKRGTGNSYGVCGLYTSSFYPVKN
;
A
2 'polypeptide(L)' (ACE)LL(AR7) B
#
# COMPACT_ATOMS: atom_id res chain seq x y z
N ILE A 1 -8.67 -20.70 -3.19
CA ILE A 1 -8.52 -19.30 -3.69
C ILE A 1 -8.15 -19.42 -5.17
N PRO A 2 -8.42 -18.43 -6.07
CA PRO A 2 -8.21 -18.58 -7.53
C PRO A 2 -6.74 -18.69 -7.92
N GLU A 3 -6.54 -19.05 -9.19
CA GLU A 3 -5.23 -19.14 -9.79
C GLU A 3 -4.69 -17.71 -10.00
N TYR A 4 -5.57 -16.81 -10.44
CA TYR A 4 -5.28 -15.39 -10.64
C TYR A 4 -6.21 -14.51 -9.83
N VAL A 5 -5.67 -13.51 -9.15
CA VAL A 5 -6.51 -12.55 -8.46
C VAL A 5 -6.04 -11.18 -8.97
N ASP A 6 -6.94 -10.26 -9.29
CA ASP A 6 -6.59 -8.89 -9.66
C ASP A 6 -7.73 -7.96 -9.23
N TRP A 7 -7.52 -7.22 -8.17
CA TRP A 7 -8.54 -6.33 -7.66
C TRP A 7 -8.88 -5.12 -8.52
N ARG A 8 -8.10 -4.71 -9.50
CA ARG A 8 -8.44 -3.64 -10.42
C ARG A 8 -9.60 -4.16 -11.25
N GLN A 9 -9.57 -5.46 -11.64
CA GLN A 9 -10.63 -6.01 -12.51
C GLN A 9 -11.95 -6.08 -11.74
N LYS A 10 -11.87 -6.21 -10.43
CA LYS A 10 -13.05 -6.25 -9.60
C LYS A 10 -13.49 -4.84 -9.20
N GLY A 11 -12.87 -3.76 -9.68
CA GLY A 11 -13.33 -2.42 -9.37
C GLY A 11 -12.98 -1.93 -7.97
N ALA A 12 -11.96 -2.42 -7.29
CA ALA A 12 -11.62 -1.95 -5.97
C ALA A 12 -10.30 -1.19 -5.94
N VAL A 13 -9.68 -0.83 -7.06
CA VAL A 13 -8.40 -0.07 -7.05
C VAL A 13 -8.63 1.21 -7.82
N THR A 14 -8.25 2.31 -7.22
CA THR A 14 -8.35 3.64 -7.82
C THR A 14 -7.11 3.90 -8.68
N PRO A 15 -7.04 5.02 -9.46
CA PRO A 15 -5.85 5.38 -10.26
C PRO A 15 -4.52 5.46 -9.49
N VAL A 16 -3.44 5.28 -10.21
CA VAL A 16 -2.08 5.30 -9.67
C VAL A 16 -1.80 6.78 -9.42
N LYS A 17 -1.14 6.95 -8.32
CA LYS A 17 -0.77 8.23 -7.75
C LYS A 17 0.74 8.41 -7.76
N ASN A 18 1.23 9.67 -7.59
CA ASN A 18 2.68 9.96 -7.54
C ASN A 18 2.96 10.72 -6.25
N GLN A 19 3.83 10.22 -5.39
CA GLN A 19 4.12 10.87 -4.12
C GLN A 19 5.04 12.07 -4.28
N GLY A 20 5.76 12.17 -5.41
CA GLY A 20 6.74 13.24 -5.60
C GLY A 20 8.00 12.97 -4.77
N SER A 21 8.70 14.05 -4.40
CA SER A 21 9.94 14.03 -3.60
C SER A 21 9.77 13.59 -2.15
N CYS A 22 8.57 13.71 -1.68
CA CYS A 22 8.25 13.43 -0.29
C CYS A 22 8.32 11.91 -0.01
N GLY A 23 8.99 11.43 1.01
CA GLY A 23 9.00 9.99 1.27
C GLY A 23 7.72 9.64 2.05
N SER A 24 6.56 9.75 1.39
CA SER A 24 5.24 9.52 1.98
C SER A 24 4.65 8.13 1.57
N CYS A 25 5.45 7.17 1.07
CA CYS A 25 4.97 5.90 0.53
C CYS A 25 4.13 5.09 1.51
N TRP A 26 4.46 5.24 2.79
CA TRP A 26 3.72 4.61 3.89
C TRP A 26 2.26 5.04 3.94
N ALA A 27 1.99 6.32 3.65
CA ALA A 27 0.63 6.86 3.66
C ALA A 27 -0.08 6.36 2.40
N PHE A 28 0.61 6.46 1.25
CA PHE A 28 0.04 5.99 0.00
C PHE A 28 -0.34 4.50 0.08
N SER A 29 0.50 3.69 0.70
CA SER A 29 0.28 2.26 0.87
C SER A 29 -0.96 1.97 1.73
N ALA A 30 -1.03 2.62 2.90
CA ALA A 30 -2.20 2.46 3.78
C ALA A 30 -3.51 2.84 3.04
N VAL A 31 -3.54 3.96 2.36
CA VAL A 31 -4.72 4.42 1.64
C VAL A 31 -5.25 3.40 0.62
N VAL A 32 -4.40 2.76 -0.21
CA VAL A 32 -4.95 1.82 -1.19
C VAL A 32 -5.56 0.64 -0.42
N THR A 33 -5.16 0.25 0.78
CA THR A 33 -5.86 -0.87 1.44
C THR A 33 -7.23 -0.40 1.99
N ILE A 34 -7.29 0.84 2.47
CA ILE A 34 -8.53 1.45 2.97
C ILE A 34 -9.51 1.55 1.79
N GLU A 35 -9.06 2.09 0.69
CA GLU A 35 -9.90 2.19 -0.49
C GLU A 35 -10.49 0.85 -0.93
N GLY A 36 -9.68 -0.18 -0.78
CA GLY A 36 -10.06 -1.52 -1.16
C GLY A 36 -11.04 -2.14 -0.20
N ILE A 37 -10.81 -2.08 1.09
CA ILE A 37 -11.75 -2.69 2.05
C ILE A 37 -13.10 -1.97 2.05
N ILE A 38 -13.15 -0.64 1.87
CA ILE A 38 -14.45 0.03 1.76
C ILE A 38 -15.23 -0.50 0.55
N LYS A 39 -14.61 -0.65 -0.63
CA LYS A 39 -15.30 -1.20 -1.79
C LYS A 39 -15.84 -2.61 -1.48
N ILE A 40 -15.04 -3.47 -0.87
CA ILE A 40 -15.46 -4.84 -0.59
C ILE A 40 -16.63 -4.91 0.40
N ARG A 41 -16.62 -4.10 1.45
CA ARG A 41 -17.71 -4.12 2.42
C ARG A 41 -18.93 -3.31 2.07
N THR A 42 -18.87 -2.18 1.36
CA THR A 42 -20.05 -1.36 1.16
C THR A 42 -20.41 -1.25 -0.33
N GLY A 43 -19.50 -1.65 -1.21
CA GLY A 43 -19.71 -1.52 -2.64
C GLY A 43 -19.39 -0.12 -3.16
N ASN A 44 -18.88 0.81 -2.35
CA ASN A 44 -18.58 2.17 -2.82
C ASN A 44 -17.09 2.36 -3.04
N LEU A 45 -16.68 2.79 -4.23
CA LEU A 45 -15.27 3.02 -4.53
C LEU A 45 -14.96 4.50 -4.32
N ASN A 46 -14.08 4.83 -3.38
CA ASN A 46 -13.76 6.22 -3.08
C ASN A 46 -12.26 6.42 -2.91
N GLN A 47 -11.72 7.61 -3.12
CA GLN A 47 -10.31 7.94 -2.88
C GLN A 47 -10.18 8.64 -1.55
N TYR A 48 -9.20 8.20 -0.78
CA TYR A 48 -8.98 8.79 0.52
C TYR A 48 -7.68 9.56 0.62
N SER A 49 -7.53 10.33 1.68
CA SER A 49 -6.43 11.28 1.79
C SER A 49 -5.14 10.82 2.41
N GLU A 50 -4.11 10.78 1.58
CA GLU A 50 -2.75 10.49 2.04
C GLU A 50 -2.21 11.67 2.83
N GLN A 51 -2.52 12.91 2.36
CA GLN A 51 -2.10 14.14 3.05
C GLN A 51 -2.53 14.18 4.52
N GLU A 52 -3.75 13.71 4.75
CA GLU A 52 -4.25 13.70 6.13
C GLU A 52 -3.39 12.78 6.99
N LEU A 53 -2.95 11.61 6.44
CA LEU A 53 -2.08 10.73 7.23
C LEU A 53 -0.68 11.31 7.40
N LEU A 54 -0.15 11.96 6.34
CA LEU A 54 1.16 12.64 6.36
C LEU A 54 1.17 13.70 7.49
N ASP A 55 0.10 14.50 7.66
CA ASP A 55 0.04 15.56 8.69
C ASP A 55 -0.35 15.06 10.04
N CYS A 56 -1.26 14.09 10.14
CA CYS A 56 -1.76 13.71 11.46
C CYS A 56 -1.13 12.50 12.15
N ASP A 57 -0.43 11.63 11.45
CA ASP A 57 0.24 10.51 12.12
C ASP A 57 1.55 10.99 12.74
N ARG A 58 1.55 11.29 14.03
CA ARG A 58 2.75 11.78 14.68
C ARG A 58 3.67 10.65 15.18
N ARG A 59 3.46 9.39 14.82
CA ARG A 59 4.45 8.35 15.09
C ARG A 59 5.36 8.29 13.86
N SER A 60 4.89 8.68 12.69
CA SER A 60 5.70 8.79 11.49
C SER A 60 6.44 10.13 11.42
N TYR A 61 7.39 10.22 10.47
CA TYR A 61 8.24 11.41 10.30
C TYR A 61 8.00 12.17 9.00
N GLY A 62 6.74 12.34 8.63
CA GLY A 62 6.37 13.06 7.43
C GLY A 62 7.02 12.53 6.19
N CYS A 63 7.55 13.49 5.45
CA CYS A 63 8.29 13.24 4.24
C CYS A 63 9.60 12.54 4.50
N ASN A 64 10.05 12.31 5.74
CA ASN A 64 11.30 11.62 6.03
C ASN A 64 11.07 10.12 6.20
N GLY A 65 9.84 9.63 6.11
CA GLY A 65 9.54 8.23 6.26
C GLY A 65 8.52 7.99 7.36
N GLY A 66 7.93 6.81 7.44
CA GLY A 66 6.97 6.47 8.49
C GLY A 66 6.54 5.02 8.46
N TYR A 67 5.43 4.73 9.11
CA TYR A 67 4.94 3.35 9.32
C TYR A 67 3.54 3.10 8.79
N PRO A 68 3.38 2.14 7.86
CA PRO A 68 2.08 1.71 7.27
C PRO A 68 1.09 1.31 8.36
N TRP A 69 1.53 0.52 9.35
CA TRP A 69 0.67 0.10 10.44
C TRP A 69 0.18 1.28 11.31
N SER A 70 0.97 2.34 11.60
CA SER A 70 0.45 3.45 12.38
C SER A 70 -0.57 4.19 11.56
N ALA A 71 -0.41 4.35 10.26
CA ALA A 71 -1.39 5.07 9.48
C ALA A 71 -2.69 4.29 9.51
N LEU A 72 -2.60 2.96 9.47
CA LEU A 72 -3.80 2.13 9.48
C LEU A 72 -4.46 2.17 10.86
N GLN A 73 -3.70 2.20 11.95
CA GLN A 73 -4.25 2.29 13.28
C GLN A 73 -4.96 3.64 13.50
N LEU A 74 -4.35 4.70 13.01
CA LEU A 74 -4.93 6.04 13.04
C LEU A 74 -6.32 6.00 12.36
N VAL A 75 -6.47 5.34 11.22
CA VAL A 75 -7.77 5.32 10.55
C VAL A 75 -8.81 4.51 11.34
N ALA A 76 -8.38 3.61 12.19
CA ALA A 76 -9.26 2.81 13.04
C ALA A 76 -9.62 3.56 14.34
N GLN A 77 -8.69 4.36 14.87
CA GLN A 77 -8.96 5.17 16.07
C GLN A 77 -9.77 6.42 15.75
N TYR A 78 -9.58 7.02 14.59
CA TYR A 78 -10.25 8.28 14.24
C TYR A 78 -11.01 8.27 12.93
N GLY A 79 -10.38 7.95 11.83
CA GLY A 79 -11.07 7.86 10.57
C GLY A 79 -10.26 8.57 9.52
N ILE A 80 -10.83 8.80 8.35
CA ILE A 80 -10.14 9.50 7.28
C ILE A 80 -11.21 10.19 6.40
N HIS A 81 -10.77 11.26 5.77
CA HIS A 81 -11.52 12.14 4.88
C HIS A 81 -11.25 11.73 3.45
N TYR A 82 -12.12 12.18 2.57
CA TYR A 82 -11.98 11.96 1.13
C TYR A 82 -10.77 12.74 0.66
N ARG A 83 -10.15 12.21 -0.38
CA ARG A 83 -8.94 12.82 -0.99
C ARG A 83 -9.24 14.23 -1.51
N ASN A 84 -10.47 14.34 -2.00
CA ASN A 84 -11.02 15.56 -2.55
C ASN A 84 -11.08 16.64 -1.50
N THR A 85 -11.45 16.31 -0.26
CA THR A 85 -11.58 17.29 0.80
C THR A 85 -10.26 17.61 1.47
N TYR A 86 -9.27 16.72 1.35
CA TYR A 86 -7.95 16.95 1.93
C TYR A 86 -6.88 16.51 0.90
N PRO A 87 -6.71 17.30 -0.18
CA PRO A 87 -5.77 16.97 -1.25
C PRO A 87 -4.28 16.99 -0.85
N TYR A 88 -3.52 16.34 -1.70
CA TYR A 88 -2.10 16.08 -1.53
C TYR A 88 -1.26 17.27 -2.02
N GLU A 89 -0.44 17.71 -1.09
CA GLU A 89 0.49 18.82 -1.24
C GLU A 89 1.95 18.38 -1.31
N GLY A 90 2.35 17.22 -0.78
CA GLY A 90 3.74 16.75 -0.93
C GLY A 90 4.74 17.28 0.08
N VAL A 91 4.21 17.96 1.09
CA VAL A 91 4.98 18.55 2.17
C VAL A 91 4.11 18.30 3.40
N GLN A 92 4.69 18.05 4.55
CA GLN A 92 3.95 17.87 5.78
C GLN A 92 3.62 19.27 6.33
N ARG A 93 2.36 19.39 6.71
CA ARG A 93 1.69 20.58 7.23
C ARG A 93 1.05 20.18 8.57
N TYR A 94 0.22 21.05 9.12
CA TYR A 94 -0.50 20.93 10.40
C TYR A 94 -1.64 19.95 10.19
N CYS A 95 -2.01 19.19 11.21
CA CYS A 95 -3.11 18.25 11.07
C CYS A 95 -4.41 19.08 11.02
N ARG A 96 -5.00 19.16 9.83
CA ARG A 96 -6.23 19.92 9.66
C ARG A 96 -7.51 19.07 9.58
N SER A 97 -7.59 17.91 10.21
CA SER A 97 -8.81 17.08 10.18
C SER A 97 -10.05 17.76 10.77
N ARG A 98 -9.97 18.44 11.91
CA ARG A 98 -11.13 19.06 12.57
C ARG A 98 -11.75 20.14 11.68
N GLU A 99 -10.89 20.85 10.94
CA GLU A 99 -11.33 21.88 10.01
C GLU A 99 -12.08 21.31 8.84
N LYS A 100 -11.93 20.02 8.52
CA LYS A 100 -12.57 19.45 7.34
C LYS A 100 -13.90 18.78 7.68
N GLY A 101 -14.39 18.84 8.90
CA GLY A 101 -15.68 18.29 9.23
C GLY A 101 -15.62 16.80 9.48
N PRO A 102 -16.77 16.11 9.38
CA PRO A 102 -16.88 14.69 9.73
C PRO A 102 -16.02 13.76 8.87
N TYR A 103 -15.46 12.73 9.50
CA TYR A 103 -14.68 11.73 8.78
C TYR A 103 -15.57 11.03 7.77
N ALA A 104 -15.01 10.66 6.63
CA ALA A 104 -15.75 9.97 5.59
C ALA A 104 -15.78 8.45 5.80
N ALA A 105 -14.76 7.83 6.41
CA ALA A 105 -14.74 6.37 6.69
C ALA A 105 -13.97 6.12 7.98
N LYS A 106 -14.21 4.99 8.60
CA LYS A 106 -13.55 4.55 9.82
C LYS A 106 -13.54 3.02 9.83
N THR A 107 -12.42 2.42 10.22
CA THR A 107 -12.28 0.97 10.20
C THR A 107 -12.37 0.38 11.59
N ASP A 108 -12.54 -0.94 11.68
CA ASP A 108 -12.64 -1.65 12.95
C ASP A 108 -11.34 -2.23 13.54
N GLY A 109 -10.23 -2.04 12.85
CA GLY A 109 -8.92 -2.46 13.36
C GLY A 109 -7.95 -2.73 12.23
N VAL A 110 -6.85 -3.36 12.62
CA VAL A 110 -5.74 -3.67 11.72
C VAL A 110 -5.17 -5.00 12.16
N ARG A 111 -4.77 -5.82 11.17
CA ARG A 111 -4.13 -7.12 11.41
C ARG A 111 -2.85 -7.29 10.58
N GLN A 112 -1.92 -8.04 11.15
CA GLN A 112 -0.65 -8.37 10.49
C GLN A 112 -0.73 -9.76 9.86
N VAL A 113 -0.20 -10.02 8.65
CA VAL A 113 -0.16 -11.40 8.15
C VAL A 113 1.11 -12.06 8.71
N GLN A 114 1.11 -13.38 8.87
CA GLN A 114 2.24 -14.14 9.38
C GLN A 114 3.48 -13.88 8.50
N PRO A 115 4.55 -13.25 9.03
CA PRO A 115 5.75 -12.91 8.25
C PRO A 115 6.46 -14.15 7.73
N TYR A 116 7.18 -13.90 6.65
CA TYR A 116 8.05 -14.86 5.95
C TYR A 116 7.35 -16.12 5.51
N ASN A 117 6.12 -16.00 5.03
CA ASN A 117 5.32 -17.13 4.63
C ASN A 117 4.57 -16.71 3.39
N GLN A 118 4.92 -17.23 2.22
CA GLN A 118 4.27 -16.87 0.98
C GLN A 118 2.77 -17.22 0.94
N GLY A 119 2.38 -18.35 1.53
CA GLY A 119 0.99 -18.81 1.49
C GLY A 119 0.04 -17.93 2.27
N ALA A 120 0.53 -17.42 3.38
CA ALA A 120 -0.23 -16.51 4.22
C ALA A 120 -0.58 -15.23 3.46
N LEU A 121 0.41 -14.71 2.72
CA LEU A 121 0.24 -13.50 1.93
C LEU A 121 -0.71 -13.73 0.76
N LEU A 122 -0.58 -14.83 0.02
CA LEU A 122 -1.53 -15.14 -1.05
C LEU A 122 -2.99 -15.27 -0.52
N TYR A 123 -3.22 -15.94 0.61
CA TYR A 123 -4.55 -16.09 1.19
C TYR A 123 -5.05 -14.68 1.60
N SER A 124 -4.27 -13.77 2.17
CA SER A 124 -4.81 -12.43 2.45
C SER A 124 -5.09 -11.65 1.18
N ILE A 125 -4.23 -11.65 0.16
CA ILE A 125 -4.47 -10.90 -1.08
C ILE A 125 -5.75 -11.37 -1.77
N ALA A 126 -6.06 -12.66 -1.74
CA ALA A 126 -7.29 -13.14 -2.34
C ALA A 126 -8.54 -12.60 -1.61
N ASN A 127 -8.39 -12.07 -0.39
CA ASN A 127 -9.49 -11.46 0.36
C ASN A 127 -9.55 -9.92 0.24
N GLN A 128 -8.42 -9.22 0.10
CA GLN A 128 -8.35 -7.76 0.00
C GLN A 128 -6.90 -7.32 -0.40
N PRO A 129 -6.71 -6.09 -0.90
CA PRO A 129 -5.38 -5.44 -1.03
C PRO A 129 -4.69 -5.35 0.31
N VAL A 130 -3.38 -5.54 0.33
CA VAL A 130 -2.61 -5.65 1.57
C VAL A 130 -1.42 -4.71 1.42
N SER A 131 -0.98 -4.14 2.51
CA SER A 131 0.14 -3.24 2.50
C SER A 131 1.39 -4.07 2.74
N VAL A 132 2.34 -3.99 1.81
CA VAL A 132 3.62 -4.71 1.88
C VAL A 132 4.85 -3.79 1.77
N VAL A 133 5.98 -4.22 2.26
CA VAL A 133 7.27 -3.50 2.19
C VAL A 133 8.29 -4.30 1.33
N LEU A 134 9.28 -3.61 0.80
CA LEU A 134 10.36 -4.16 -0.02
C LEU A 134 11.52 -3.19 -0.15
N GLN A 135 12.64 -3.74 -0.63
CA GLN A 135 13.86 -2.98 -0.87
C GLN A 135 13.74 -2.37 -2.28
N ALA A 136 13.82 -1.05 -2.33
CA ALA A 136 13.70 -0.31 -3.57
C ALA A 136 15.00 0.49 -3.79
N ALA A 137 16.00 0.51 -2.91
CA ALA A 137 17.21 1.31 -3.14
C ALA A 137 18.04 0.85 -4.35
N GLY A 138 17.93 -0.41 -4.72
CA GLY A 138 18.72 -0.98 -5.81
C GLY A 138 18.40 -0.37 -7.18
N LYS A 139 19.40 -0.27 -8.05
CA LYS A 139 19.22 0.37 -9.35
C LYS A 139 18.25 -0.40 -10.25
N ASP A 140 18.23 -1.71 -10.09
CA ASP A 140 17.37 -2.60 -10.87
C ASP A 140 15.88 -2.36 -10.66
N PHE A 141 15.45 -2.18 -9.39
CA PHE A 141 14.06 -1.84 -9.07
C PHE A 141 13.69 -0.46 -9.67
N GLN A 142 14.56 0.51 -9.45
CA GLN A 142 14.34 1.87 -9.91
C GLN A 142 14.22 1.99 -11.42
N LEU A 143 14.99 1.24 -12.19
CA LEU A 143 14.94 1.34 -13.63
C LEU A 143 13.98 0.34 -14.28
N TYR A 144 13.14 -0.34 -13.51
CA TYR A 144 12.21 -1.34 -14.04
C TYR A 144 11.17 -0.69 -14.97
N ARG A 145 11.07 -1.26 -16.16
CA ARG A 145 10.16 -0.87 -17.22
C ARG A 145 9.11 -1.92 -17.51
N GLY A 146 9.14 -3.17 -17.03
CA GLY A 146 8.07 -4.11 -17.36
C GLY A 146 8.55 -5.55 -17.23
N GLY A 147 7.69 -6.55 -17.40
CA GLY A 147 8.09 -7.94 -17.25
C GLY A 147 8.03 -8.44 -15.81
N ILE A 148 8.39 -9.69 -15.53
CA ILE A 148 8.33 -10.16 -14.18
C ILE A 148 9.69 -9.87 -13.54
N PHE A 149 9.63 -9.20 -12.42
CA PHE A 149 10.83 -8.76 -11.74
C PHE A 149 11.37 -9.92 -10.91
N VAL A 150 12.61 -10.27 -11.21
CA VAL A 150 13.39 -11.36 -10.64
C VAL A 150 14.52 -10.87 -9.74
N GLY A 151 14.65 -9.57 -9.68
CA GLY A 151 15.71 -8.93 -8.93
C GLY A 151 16.80 -8.46 -9.90
N PRO A 152 18.06 -8.29 -9.54
CA PRO A 152 18.57 -8.51 -8.18
C PRO A 152 18.19 -7.49 -7.12
N CYS A 153 18.19 -7.89 -5.84
CA CYS A 153 17.89 -7.01 -4.71
C CYS A 153 18.09 -7.85 -3.46
N GLY A 154 18.38 -7.18 -2.36
CA GLY A 154 18.57 -7.82 -1.09
C GLY A 154 17.29 -7.67 -0.27
N ASN A 155 17.47 -7.67 1.04
CA ASN A 155 16.35 -7.64 1.97
C ASN A 155 16.29 -6.37 2.77
N LYS A 156 17.10 -5.35 2.52
CA LYS A 156 17.06 -4.12 3.35
C LYS A 156 15.84 -3.27 2.98
N VAL A 157 14.66 -3.64 3.50
CA VAL A 157 13.37 -3.01 3.17
C VAL A 157 13.37 -1.53 3.56
N ASP A 158 12.84 -0.75 2.63
CA ASP A 158 12.83 0.71 2.72
C ASP A 158 11.61 1.40 2.08
N HIS A 159 10.65 0.67 1.49
CA HIS A 159 9.58 1.31 0.72
C HIS A 159 8.29 0.55 0.96
N ALA A 160 7.14 1.21 1.09
CA ALA A 160 5.86 0.55 1.37
C ALA A 160 4.97 0.73 0.15
N VAL A 161 4.38 -0.36 -0.34
CA VAL A 161 3.59 -0.43 -1.57
C VAL A 161 2.38 -1.32 -1.23
N ALA A 162 1.50 -1.65 -2.15
CA ALA A 162 0.32 -2.45 -1.82
C ALA A 162 0.20 -3.60 -2.80
N ALA A 163 -0.03 -4.82 -2.32
CA ALA A 163 -0.23 -5.96 -3.20
C ALA A 163 -1.70 -5.94 -3.59
N VAL A 164 -2.04 -5.92 -4.88
CA VAL A 164 -3.43 -5.92 -5.34
C VAL A 164 -3.82 -7.13 -6.22
N GLY A 165 -3.04 -8.21 -6.18
CA GLY A 165 -3.34 -9.41 -6.96
C GLY A 165 -2.17 -10.36 -7.02
N TYR A 166 -2.32 -11.47 -7.73
CA TYR A 166 -1.23 -12.43 -7.90
C TYR A 166 -1.57 -13.30 -9.09
N GLY A 167 -0.61 -14.09 -9.54
CA GLY A 167 -0.81 -15.03 -10.63
C GLY A 167 0.05 -16.24 -10.30
N PRO A 168 0.28 -17.20 -11.20
CA PRO A 168 1.00 -18.44 -10.87
C PRO A 168 2.44 -18.21 -10.55
N ASN A 169 3.03 -17.21 -11.17
CA ASN A 169 4.44 -16.89 -10.93
C ASN A 169 4.77 -15.48 -10.45
N TYR A 170 3.78 -14.71 -9.99
CA TYR A 170 4.01 -13.34 -9.53
C TYR A 170 3.03 -12.84 -8.48
N ILE A 171 3.39 -11.73 -7.87
CA ILE A 171 2.54 -10.93 -6.98
C ILE A 171 2.44 -9.53 -7.64
N LEU A 172 1.24 -9.02 -7.80
CA LEU A 172 0.96 -7.76 -8.47
C LEU A 172 0.99 -6.61 -7.46
N ILE A 173 1.85 -5.61 -7.68
CA ILE A 173 2.14 -4.51 -6.78
C ILE A 173 1.74 -3.15 -7.37
N LYS A 174 1.02 -2.30 -6.66
CA LYS A 174 0.70 -0.92 -7.08
C LYS A 174 1.71 0.00 -6.41
N ASN A 175 2.45 0.78 -7.14
CA ASN A 175 3.45 1.64 -6.52
C ASN A 175 3.01 3.10 -6.65
N SER A 176 3.57 4.01 -5.89
CA SER A 176 3.21 5.42 -5.91
C SER A 176 4.24 6.34 -6.59
N TRP A 177 4.84 5.91 -7.67
CA TRP A 177 5.80 6.73 -8.38
C TRP A 177 5.14 7.09 -9.71
N GLY A 178 3.82 7.19 -9.79
CA GLY A 178 3.17 7.63 -11.02
C GLY A 178 3.17 6.62 -12.13
N THR A 179 2.55 6.97 -13.25
CA THR A 179 2.41 6.03 -14.33
C THR A 179 3.68 5.83 -15.18
N GLY A 180 4.68 6.68 -15.02
CA GLY A 180 5.87 6.62 -15.84
C GLY A 180 6.95 5.70 -15.33
N TRP A 181 6.59 4.73 -14.50
CA TRP A 181 7.49 3.76 -13.92
C TRP A 181 6.81 2.41 -14.07
N GLY A 182 7.58 1.39 -14.52
CA GLY A 182 7.09 0.03 -14.64
C GLY A 182 5.90 -0.14 -15.56
N GLU A 183 5.03 -1.06 -15.25
CA GLU A 183 3.88 -1.33 -16.10
C GLU A 183 2.75 -0.41 -15.67
N ASN A 184 2.84 0.84 -16.16
CA ASN A 184 1.85 1.89 -15.87
C ASN A 184 1.70 2.18 -14.39
N GLY A 185 2.79 1.96 -13.63
CA GLY A 185 2.79 2.20 -12.19
C GLY A 185 2.75 0.93 -11.37
N TYR A 186 2.64 -0.21 -12.04
CA TYR A 186 2.57 -1.54 -11.39
C TYR A 186 3.87 -2.29 -11.65
N ILE A 187 4.15 -3.25 -10.77
CA ILE A 187 5.25 -4.18 -10.98
C ILE A 187 4.67 -5.58 -10.67
N ARG A 188 5.13 -6.60 -11.40
CA ARG A 188 4.81 -7.98 -11.07
C ARG A 188 6.13 -8.55 -10.52
N ILE A 189 6.21 -8.93 -9.24
CA ILE A 189 7.41 -9.53 -8.65
C ILE A 189 7.29 -11.05 -8.56
N LYS A 190 8.37 -11.77 -8.89
CA LYS A 190 8.44 -13.23 -8.89
C LYS A 190 8.06 -13.84 -7.53
N ARG A 191 7.25 -14.91 -7.56
CA ARG A 191 6.97 -15.68 -6.33
C ARG A 191 7.38 -17.14 -6.58
N GLY A 192 7.15 -18.03 -5.59
CA GLY A 192 7.40 -19.47 -5.72
C GLY A 192 8.83 -19.92 -5.84
N THR A 193 9.80 -19.28 -5.20
CA THR A 193 11.22 -19.65 -5.29
C THR A 193 11.71 -20.34 -4.01
N GLY A 194 10.80 -20.64 -3.09
CA GLY A 194 11.16 -21.29 -1.83
C GLY A 194 11.90 -20.39 -0.85
N ASN A 195 12.32 -19.19 -1.27
CA ASN A 195 13.01 -18.20 -0.43
C ASN A 195 12.05 -17.53 0.58
N SER A 196 12.18 -17.76 1.89
CA SER A 196 11.23 -17.28 2.90
C SER A 196 11.09 -15.75 2.98
N TYR A 197 12.16 -15.01 2.70
CA TYR A 197 12.16 -13.56 2.76
C TYR A 197 11.31 -12.91 1.68
N GLY A 198 11.13 -13.59 0.54
CA GLY A 198 10.49 -13.01 -0.63
C GLY A 198 11.53 -12.31 -1.47
N VAL A 199 11.39 -12.18 -2.79
CA VAL A 199 12.40 -11.43 -3.54
C VAL A 199 12.24 -9.95 -3.14
N CYS A 200 13.39 -9.34 -2.87
CA CYS A 200 13.52 -7.96 -2.41
C CYS A 200 12.88 -7.81 -1.04
N GLY A 201 12.71 -8.89 -0.26
CA GLY A 201 12.23 -8.76 1.12
C GLY A 201 10.71 -8.60 1.21
N LEU A 202 9.96 -9.00 0.19
CA LEU A 202 8.53 -8.77 0.15
C LEU A 202 7.72 -9.39 1.29
N TYR A 203 8.18 -10.40 2.05
CA TYR A 203 7.35 -11.07 3.05
C TYR A 203 7.77 -10.62 4.45
N THR A 204 8.35 -9.45 4.62
CA THR A 204 8.87 -9.00 5.91
C THR A 204 7.77 -8.47 6.86
N SER A 205 6.84 -7.61 6.44
CA SER A 205 5.84 -7.03 7.35
C SER A 205 4.67 -6.66 6.48
N SER A 206 3.54 -7.32 6.65
CA SER A 206 2.37 -7.02 5.82
C SER A 206 1.14 -6.84 6.72
N PHE A 207 0.37 -5.81 6.40
CA PHE A 207 -0.82 -5.41 7.16
C PHE A 207 -2.03 -5.06 6.30
N TYR A 208 -3.20 -5.25 6.91
CA TYR A 208 -4.50 -4.94 6.28
C TYR A 208 -5.48 -4.39 7.32
N PRO A 209 -6.40 -3.51 6.89
CA PRO A 209 -7.50 -3.02 7.73
C PRO A 209 -8.67 -4.00 7.79
N VAL A 210 -9.36 -3.97 8.94
CA VAL A 210 -10.54 -4.81 9.16
C VAL A 210 -11.77 -3.89 9.10
N LYS A 211 -12.84 -4.24 8.40
CA LYS A 211 -14.10 -3.50 8.44
C LYS A 211 -15.23 -4.55 8.50
N ASN A 212 -16.11 -4.50 9.49
CA ASN A 212 -17.17 -5.48 9.61
C ASN A 212 -18.33 -4.89 8.85
N LEU B 2 12.21 2.94 8.94
CA LEU B 2 11.25 3.87 8.36
C LEU B 2 11.07 3.47 6.89
N LEU B 3 9.83 3.53 6.43
CA LEU B 3 9.50 3.21 5.05
C LEU B 3 9.22 4.58 4.44
#